data_4UC7
#
_entry.id   4UC7
#
_cell.length_a   34.310
_cell.length_b   72.130
_cell.length_c   181.670
_cell.angle_alpha   90.00
_cell.angle_beta   90.00
_cell.angle_gamma   90.00
#
_symmetry.space_group_name_H-M   'P 21 21 21'
#
loop_
_entity.id
_entity.type
_entity.pdbx_description
1 polymer NUCLEOPROTEIN
2 polymer NUCLEOPROTEIN
3 non-polymer 'SULFATE ION'
4 water water
#
loop_
_entity_poly.entity_id
_entity_poly.type
_entity_poly.pdbx_seq_one_letter_code
_entity_poly.pdbx_strand_id
1 'polypeptide(L)'
;MGSDSIDTPNYDVQKHINKLCGMLLITEDANHKFTGLIGMLYAMSRLGREDTIKILRDAGYHVKANGVDVTTHRQDINGK
EMKFEVLTLASLTTEIQINIEIESRKSYKKMLKEMGEVAPEYRHDSPDCGMIILCILALVITKLAAGDRSGLTAVIRRAN
NVLKNEMKRYKGLLPKDIANSFYEVFEKHPHFIDVFVHFGIAQSSTRGGSRVEGIFAGLFMNAYGLEHHHHHH
;
A
2 'polypeptide(L)'
;MGSDSIDTPNYDVQKHINKLCGMLLITEDANHKFTGLIGMLYAMSRLGREDTIKILRDAGYHVKANGVDVTTHRQDINGK
EMKFEVLTLASLTTEIQINIEIESRKSYKKMLKEMGEVAPEYRHDSPDCGMIILCIAALVITKLAAGDRSGLTAVIRRAN
NVLKNEMKRYKGLLPKDIANSFYEVFEKHPHFIDVFVHFGIAQSSTRGGSRVEGIFAGLFMNAYGLEHHHHHH
;
B
#
# COMPACT_ATOMS: atom_id res chain seq x y z
N SER A 5 22.51 21.08 23.42
CA SER A 5 21.71 21.96 22.58
C SER A 5 20.54 21.27 21.90
N ILE A 6 19.39 21.99 21.75
CA ILE A 6 18.20 21.48 21.05
C ILE A 6 17.75 22.45 19.94
N ASP A 7 17.25 21.90 18.82
CA ASP A 7 16.79 22.68 17.65
C ASP A 7 15.49 23.43 17.90
N THR A 8 15.56 24.76 17.79
CA THR A 8 14.43 25.67 17.96
C THR A 8 14.17 26.40 16.60
N PRO A 9 13.35 25.78 15.72
CA PRO A 9 13.06 26.42 14.43
C PRO A 9 12.01 27.53 14.59
N ASN A 10 12.11 28.58 13.76
CA ASN A 10 11.15 29.68 13.75
C ASN A 10 10.16 29.48 12.57
N TYR A 11 9.44 30.54 12.15
CA TYR A 11 8.42 30.50 11.10
C TYR A 11 8.98 30.34 9.69
N ASP A 12 10.13 30.94 9.44
CA ASP A 12 10.87 30.95 8.20
C ASP A 12 11.11 29.57 7.56
N VAL A 13 11.27 28.51 8.38
CA VAL A 13 11.54 27.16 7.87
C VAL A 13 10.30 26.21 7.86
N GLN A 14 9.16 26.65 8.45
CA GLN A 14 7.88 25.94 8.51
C GLN A 14 7.43 25.28 7.15
N LYS A 15 7.62 25.99 6.01
CA LYS A 15 7.32 25.53 4.66
C LYS A 15 8.29 24.39 4.23
N HIS A 16 9.57 24.47 4.63
CA HIS A 16 10.62 23.49 4.35
C HIS A 16 10.35 22.20 5.16
N ILE A 17 9.93 22.32 6.45
CA ILE A 17 9.62 21.17 7.31
C ILE A 17 8.36 20.47 6.81
N ASN A 18 7.41 21.21 6.24
CA ASN A 18 6.19 20.65 5.66
C ASN A 18 6.52 19.78 4.42
N LYS A 19 7.47 20.26 3.58
CA LYS A 19 7.96 19.57 2.39
C LYS A 19 8.76 18.32 2.79
N LEU A 20 9.41 18.34 3.98
CA LEU A 20 10.14 17.20 4.55
C LEU A 20 9.14 16.07 4.91
N CYS A 21 8.03 16.44 5.59
CA CYS A 21 6.91 15.59 5.98
C CYS A 21 6.30 14.95 4.72
N GLY A 22 6.08 15.76 3.67
CA GLY A 22 5.48 15.34 2.41
C GLY A 22 6.30 14.39 1.57
N MET A 23 7.64 14.54 1.65
CA MET A 23 8.63 13.71 0.97
C MET A 23 8.61 12.34 1.60
N LEU A 24 8.26 12.27 2.90
CA LEU A 24 8.15 11.00 3.64
C LEU A 24 6.82 10.35 3.29
N LEU A 25 5.74 11.16 3.23
CA LEU A 25 4.39 10.69 2.92
C LEU A 25 4.24 10.14 1.51
N ILE A 26 5.07 10.58 0.55
CA ILE A 26 4.98 10.11 -0.83
C ILE A 26 5.87 8.88 -1.10
N THR A 27 6.84 8.61 -0.20
CA THR A 27 7.77 7.49 -0.38
C THR A 27 7.10 6.13 -0.14
N GLU A 28 7.22 5.24 -1.14
CA GLU A 28 6.70 3.87 -1.08
C GLU A 28 7.59 3.10 -0.11
N ASP A 29 6.97 2.52 0.93
CA ASP A 29 7.62 1.77 2.02
C ASP A 29 8.66 2.69 2.72
N ALA A 30 8.17 3.85 3.18
CA ALA A 30 8.98 4.88 3.82
C ALA A 30 9.53 4.49 5.18
N ASN A 31 10.83 4.84 5.43
CA ASN A 31 11.54 4.63 6.69
C ASN A 31 11.05 5.78 7.56
N HIS A 32 10.27 5.46 8.60
CA HIS A 32 9.70 6.49 9.47
C HIS A 32 10.43 6.69 10.78
N LYS A 33 11.74 6.38 10.81
CA LYS A 33 12.60 6.54 11.99
C LYS A 33 12.66 7.99 12.49
N PHE A 34 12.74 8.96 11.56
CA PHE A 34 12.91 10.38 11.86
C PHE A 34 11.61 11.19 11.84
N THR A 35 10.46 10.54 11.53
CA THR A 35 9.10 11.10 11.46
C THR A 35 8.62 11.67 12.82
N GLY A 36 9.01 11.04 13.93
CA GLY A 36 8.69 11.48 15.28
C GLY A 36 9.35 12.81 15.63
N LEU A 37 10.58 13.01 15.10
CA LEU A 37 11.36 14.24 15.28
C LEU A 37 10.89 15.36 14.34
N ILE A 38 10.76 15.07 13.02
CA ILE A 38 10.32 16.01 11.96
C ILE A 38 8.90 16.56 12.27
N GLY A 39 8.05 15.71 12.82
CA GLY A 39 6.71 16.09 13.25
C GLY A 39 6.77 17.11 14.36
N MET A 40 7.67 16.91 15.32
CA MET A 40 7.88 17.82 16.44
C MET A 40 8.55 19.11 15.98
N LEU A 41 9.48 19.01 14.99
CA LEU A 41 10.11 20.16 14.37
C LEU A 41 9.05 21.02 13.70
N TYR A 42 8.09 20.41 12.99
CA TYR A 42 7.01 21.13 12.33
C TYR A 42 6.11 21.87 13.35
N ALA A 43 5.75 21.24 14.47
CA ALA A 43 4.92 21.89 15.49
C ALA A 43 5.66 23.06 16.16
N MET A 44 7.00 22.95 16.30
CA MET A 44 7.85 23.98 16.89
C MET A 44 7.88 25.25 15.97
N SER A 45 8.14 25.03 14.65
CA SER A 45 8.14 26.04 13.59
C SER A 45 6.77 26.74 13.48
N ARG A 46 5.67 26.07 13.94
CA ARG A 46 4.32 26.63 13.97
C ARG A 46 4.17 27.56 15.20
N LEU A 47 4.86 27.23 16.31
CA LEU A 47 4.84 28.01 17.56
C LEU A 47 5.82 29.17 17.48
N GLY A 48 6.95 28.95 16.80
CA GLY A 48 8.05 29.89 16.65
C GLY A 48 9.15 29.60 17.64
N ARG A 49 10.26 30.32 17.54
CA ARG A 49 11.42 30.18 18.41
C ARG A 49 11.13 30.66 19.86
N GLU A 50 10.64 31.92 20.02
CA GLU A 50 10.31 32.53 21.31
C GLU A 50 9.38 31.66 22.18
N ASP A 51 8.28 31.16 21.59
CA ASP A 51 7.28 30.34 22.27
C ASP A 51 7.82 29.01 22.74
N THR A 52 8.52 28.28 21.83
CA THR A 52 9.11 26.96 22.11
C THR A 52 10.05 27.01 23.33
N ILE A 53 10.90 28.06 23.39
CA ILE A 53 11.84 28.34 24.47
C ILE A 53 11.08 28.62 25.76
N LYS A 54 10.07 29.54 25.71
CA LYS A 54 9.22 29.91 26.84
C LYS A 54 8.54 28.67 27.44
N ILE A 55 8.00 27.76 26.59
CA ILE A 55 7.31 26.55 27.05
C ILE A 55 8.30 25.64 27.77
N LEU A 56 9.47 25.40 27.17
CA LEU A 56 10.49 24.53 27.75
C LEU A 56 11.15 25.10 29.02
N ARG A 57 11.27 26.43 29.14
CA ARG A 57 11.83 27.03 30.34
C ARG A 57 10.83 27.02 31.49
N ASP A 58 9.53 27.28 31.19
CA ASP A 58 8.44 27.28 32.17
C ASP A 58 8.16 25.87 32.70
N ALA A 59 8.35 24.85 31.83
CA ALA A 59 8.16 23.44 32.18
C ALA A 59 9.21 22.94 33.16
N GLY A 60 10.39 23.57 33.16
CA GLY A 60 11.49 23.26 34.06
C GLY A 60 12.72 22.69 33.39
N VAL A 63 17.53 25.12 28.54
CA VAL A 63 17.57 24.86 27.10
C VAL A 63 18.64 25.66 26.38
N LYS A 64 19.36 24.98 25.46
CA LYS A 64 20.38 25.59 24.60
C LYS A 64 19.75 25.68 23.19
N ALA A 65 19.12 26.83 22.92
CA ALA A 65 18.40 27.13 21.69
C ALA A 65 19.33 27.23 20.47
N ASN A 66 19.11 26.33 19.50
CA ASN A 66 19.85 26.24 18.24
C ASN A 66 19.05 26.92 17.12
N GLY A 67 19.70 27.82 16.41
CA GLY A 67 19.11 28.55 15.29
C GLY A 67 19.01 27.68 14.05
N VAL A 68 17.82 27.65 13.40
CA VAL A 68 17.59 26.83 12.21
C VAL A 68 17.44 27.70 10.93
N ASP A 69 18.42 27.57 10.01
CA ASP A 69 18.43 28.27 8.72
C ASP A 69 18.67 27.27 7.58
N VAL A 70 18.26 27.64 6.36
CA VAL A 70 18.39 26.79 5.18
C VAL A 70 19.72 27.03 4.44
N THR A 71 20.44 25.94 4.13
CA THR A 71 21.73 25.97 3.41
C THR A 71 21.69 25.09 2.14
N THR A 72 22.77 25.12 1.35
CA THR A 72 22.91 24.36 0.10
C THR A 72 24.09 23.37 0.20
N HIS A 73 23.82 22.05 0.26
CA HIS A 73 24.87 21.03 0.31
C HIS A 73 24.98 20.29 -1.01
N ARG A 74 26.18 20.33 -1.60
CA ARG A 74 26.50 19.67 -2.87
C ARG A 74 26.97 18.23 -2.61
N GLN A 75 26.19 17.24 -3.08
CA GLN A 75 26.52 15.81 -2.93
C GLN A 75 26.42 15.05 -4.28
N ASP A 76 27.38 14.13 -4.52
CA ASP A 76 27.47 13.28 -5.71
C ASP A 76 26.49 12.09 -5.61
N ILE A 77 25.56 12.00 -6.58
CA ILE A 77 24.54 10.96 -6.72
C ILE A 77 24.64 10.42 -8.14
N ASN A 78 24.67 9.08 -8.28
CA ASN A 78 24.75 8.31 -9.54
C ASN A 78 25.95 8.72 -10.45
N GLY A 79 26.99 9.33 -9.87
CA GLY A 79 28.20 9.75 -10.57
C GLY A 79 28.43 11.24 -10.73
N LYS A 80 27.33 12.03 -10.67
CA LYS A 80 27.32 13.50 -10.83
C LYS A 80 26.89 14.21 -9.53
N GLU A 81 27.44 15.41 -9.29
CA GLU A 81 27.13 16.22 -8.09
C GLU A 81 25.80 16.94 -8.25
N MET A 82 24.97 16.91 -7.20
CA MET A 82 23.65 17.53 -7.15
C MET A 82 23.56 18.47 -5.93
N LYS A 83 22.71 19.51 -6.03
CA LYS A 83 22.48 20.52 -4.96
C LYS A 83 21.19 20.20 -4.18
N PHE A 84 21.17 20.38 -2.85
CA PHE A 84 19.96 20.11 -2.05
C PHE A 84 19.75 21.14 -0.95
N GLU A 85 18.48 21.54 -0.71
CA GLU A 85 18.07 22.49 0.33
C GLU A 85 17.94 21.72 1.62
N VAL A 86 18.82 22.03 2.57
CA VAL A 86 18.87 21.34 3.86
C VAL A 86 18.77 22.30 5.03
N LEU A 87 18.31 21.78 6.17
CA LEU A 87 18.13 22.54 7.41
C LEU A 87 19.27 22.31 8.36
N THR A 88 19.74 23.39 9.01
CA THR A 88 20.81 23.32 10.00
C THR A 88 20.22 22.78 11.29
N LEU A 89 20.31 21.45 11.50
CA LEU A 89 19.78 20.75 12.68
C LEU A 89 20.83 19.87 13.34
N ALA A 90 20.80 19.81 14.67
CA ALA A 90 21.73 18.97 15.45
C ALA A 90 21.15 17.57 15.61
N SER A 91 19.82 17.47 15.77
CA SER A 91 19.07 16.23 15.93
C SER A 91 18.80 15.48 14.60
N LEU A 92 19.20 16.09 13.45
CA LEU A 92 19.05 15.50 12.12
C LEU A 92 20.23 15.89 11.22
N THR A 93 21.02 14.90 10.78
CA THR A 93 22.15 15.17 9.90
C THR A 93 21.69 15.46 8.48
N THR A 94 22.60 16.06 7.67
CA THR A 94 22.41 16.42 6.25
C THR A 94 22.28 15.10 5.44
N GLU A 95 23.05 14.07 5.84
CA GLU A 95 23.04 12.71 5.27
C GLU A 95 21.60 12.11 5.38
N ILE A 96 20.93 12.26 6.55
CA ILE A 96 19.57 11.80 6.79
C ILE A 96 18.59 12.57 5.91
N GLN A 97 18.72 13.92 5.89
CA GLN A 97 17.91 14.89 5.13
C GLN A 97 17.94 14.70 3.60
N ILE A 98 19.14 14.56 3.01
CA ILE A 98 19.38 14.37 1.57
C ILE A 98 18.80 13.04 1.08
N ASN A 99 19.01 11.97 1.87
CA ASN A 99 18.53 10.62 1.55
C ASN A 99 16.99 10.51 1.53
N ILE A 100 16.28 11.36 2.30
CA ILE A 100 14.80 11.42 2.31
C ILE A 100 14.37 11.97 0.94
N GLU A 101 15.09 13.01 0.43
CA GLU A 101 14.79 13.65 -0.85
C GLU A 101 15.00 12.73 -2.04
N ILE A 102 16.21 12.19 -2.27
CA ILE A 102 16.45 11.32 -3.43
C ILE A 102 15.50 10.09 -3.47
N GLU A 103 15.19 9.50 -2.31
CA GLU A 103 14.30 8.35 -2.26
C GLU A 103 12.83 8.77 -2.49
N SER A 104 12.46 10.02 -2.15
CA SER A 104 11.12 10.55 -2.44
C SER A 104 11.02 10.91 -3.93
N ARG A 105 12.17 11.25 -4.56
CA ARG A 105 12.29 11.59 -5.98
C ARG A 105 12.07 10.35 -6.84
N LYS A 106 12.60 9.19 -6.39
CA LYS A 106 12.47 7.88 -7.05
C LYS A 106 11.00 7.44 -7.06
N SER A 107 10.29 7.69 -5.94
CA SER A 107 8.87 7.43 -5.74
C SER A 107 8.02 8.33 -6.65
N TYR A 108 8.34 9.65 -6.70
CA TYR A 108 7.65 10.62 -7.54
C TYR A 108 7.81 10.24 -9.02
N LYS A 109 9.02 9.75 -9.41
CA LYS A 109 9.39 9.28 -10.75
C LYS A 109 8.54 8.08 -11.15
N LYS A 110 8.25 7.21 -10.16
CA LYS A 110 7.43 6.01 -10.28
C LYS A 110 5.96 6.43 -10.43
N MET A 111 5.48 7.38 -9.61
CA MET A 111 4.10 7.89 -9.65
C MET A 111 3.81 8.50 -11.02
N LEU A 112 4.81 9.24 -11.57
CA LEU A 112 4.77 9.94 -12.86
C LEU A 112 4.61 8.98 -14.07
N LYS A 113 5.18 7.76 -13.95
CA LYS A 113 5.07 6.71 -14.96
C LYS A 113 3.66 6.08 -14.97
N GLU A 114 2.95 6.13 -13.81
CA GLU A 114 1.60 5.60 -13.62
C GLU A 114 0.47 6.53 -14.06
N MET A 115 0.46 7.79 -13.59
CA MET A 115 -0.64 8.73 -13.88
C MET A 115 -0.20 10.11 -14.46
N GLY A 116 0.96 10.16 -15.12
CA GLY A 116 1.48 11.42 -15.63
C GLY A 116 1.76 12.42 -14.53
N GLU A 117 1.69 13.72 -14.83
CA GLU A 117 1.97 14.78 -13.85
C GLU A 117 1.00 14.79 -12.66
N VAL A 118 1.58 14.58 -11.50
CA VAL A 118 0.98 14.43 -10.17
C VAL A 118 0.14 15.67 -9.74
N ALA A 119 -1.05 15.42 -9.17
CA ALA A 119 -2.01 16.42 -8.70
C ALA A 119 -1.53 17.09 -7.43
N PRO A 120 -1.89 18.39 -7.18
CA PRO A 120 -1.40 19.08 -5.97
C PRO A 120 -1.56 18.33 -4.64
N GLU A 121 -2.73 17.72 -4.43
CA GLU A 121 -3.12 16.96 -3.23
C GLU A 121 -2.40 15.61 -3.10
N TYR A 122 -1.63 15.20 -4.11
CA TYR A 122 -0.87 13.96 -4.10
C TYR A 122 0.64 14.23 -4.02
N ARG A 123 1.01 15.53 -4.11
CA ARG A 123 2.38 16.03 -4.09
C ARG A 123 2.91 16.29 -2.69
N HIS A 124 4.25 16.23 -2.52
CA HIS A 124 4.97 16.43 -1.27
C HIS A 124 4.91 17.86 -0.76
N ASP A 125 4.74 18.83 -1.67
CA ASP A 125 4.67 20.28 -1.39
C ASP A 125 3.23 20.78 -1.11
N SER A 126 2.31 19.84 -0.86
CA SER A 126 0.94 20.15 -0.48
C SER A 126 0.96 20.78 0.95
N PRO A 127 0.22 21.88 1.20
CA PRO A 127 0.25 22.52 2.53
C PRO A 127 -0.31 21.68 3.70
N ASP A 128 -0.82 20.48 3.43
CA ASP A 128 -1.41 19.59 4.42
C ASP A 128 -0.46 18.66 5.13
N CYS A 129 0.62 18.25 4.43
CA CYS A 129 1.62 17.23 4.78
C CYS A 129 2.03 17.18 6.26
N GLY A 130 2.58 18.28 6.78
CA GLY A 130 3.00 18.39 8.17
C GLY A 130 1.89 18.20 9.17
N MET A 131 0.66 18.71 8.85
CA MET A 131 -0.53 18.53 9.71
C MET A 131 -1.09 17.11 9.69
N ILE A 132 -0.93 16.39 8.55
CA ILE A 132 -1.37 14.99 8.40
C ILE A 132 -0.61 14.16 9.44
N ILE A 133 0.73 14.37 9.55
CA ILE A 133 1.71 13.75 10.47
C ILE A 133 1.28 14.05 11.92
N LEU A 134 0.93 15.31 12.20
CA LEU A 134 0.50 15.74 13.52
C LEU A 134 -0.81 15.07 13.98
N CYS A 135 -1.61 14.55 13.04
CA CYS A 135 -2.83 13.83 13.41
C CYS A 135 -2.49 12.46 14.06
N ILE A 136 -1.41 11.79 13.58
CA ILE A 136 -0.90 10.54 14.15
C ILE A 136 -0.43 10.74 15.59
N LEU A 137 0.36 11.78 15.86
CA LEU A 137 0.81 11.96 17.24
C LEU A 137 -0.28 12.51 18.18
N ALA A 138 -1.31 13.19 17.62
CA ALA A 138 -2.47 13.61 18.39
C ALA A 138 -3.16 12.36 18.95
N LEU A 139 -3.19 11.26 18.15
CA LEU A 139 -3.72 9.95 18.54
C LEU A 139 -2.86 9.32 19.62
N VAL A 140 -1.53 9.24 19.41
CA VAL A 140 -0.50 8.70 20.33
C VAL A 140 -0.54 9.42 21.70
N ILE A 141 -0.73 10.76 21.71
CA ILE A 141 -0.86 11.57 22.93
C ILE A 141 -2.17 11.22 23.69
N THR A 142 -3.27 10.96 22.95
CA THR A 142 -4.59 10.58 23.49
C THR A 142 -4.48 9.24 24.25
N LYS A 143 -3.62 8.32 23.75
CA LYS A 143 -3.40 7.01 24.38
C LYS A 143 -2.47 7.09 25.63
N LEU A 144 -1.41 7.92 25.57
CA LEU A 144 -0.46 8.12 26.67
C LEU A 144 -1.09 8.85 27.86
N ALA A 145 -2.00 9.83 27.59
CA ALA A 145 -2.69 10.63 28.60
C ALA A 145 -3.64 9.82 29.50
N ALA A 146 -4.34 8.80 28.92
CA ALA A 146 -5.28 7.93 29.63
C ALA A 146 -4.72 6.52 29.93
N ARG A 149 1.40 2.16 26.82
CA ARG A 149 1.78 2.21 25.41
C ARG A 149 1.14 1.06 24.60
N SER A 150 0.37 0.18 25.31
CA SER A 150 -0.37 -0.97 24.80
C SER A 150 -1.53 -0.58 23.86
N GLY A 151 -1.87 0.71 23.88
CA GLY A 151 -2.90 1.32 23.05
C GLY A 151 -2.46 1.64 21.63
N LEU A 152 -1.29 1.10 21.20
CA LEU A 152 -0.74 1.27 19.85
C LEU A 152 -1.72 0.73 18.79
N THR A 153 -2.26 -0.48 19.01
CA THR A 153 -3.22 -1.19 18.17
C THR A 153 -4.51 -0.40 17.89
N ALA A 154 -4.93 0.49 18.84
CA ALA A 154 -6.12 1.34 18.70
C ALA A 154 -5.83 2.64 17.92
N VAL A 155 -4.58 3.12 17.94
CA VAL A 155 -4.13 4.30 17.20
C VAL A 155 -4.19 3.97 15.71
N ILE A 156 -3.72 2.75 15.33
CA ILE A 156 -3.73 2.25 13.95
C ILE A 156 -5.16 2.12 13.44
N ARG A 157 -6.05 1.61 14.29
CA ARG A 157 -7.48 1.40 14.02
C ARG A 157 -8.24 2.72 13.93
N ARG A 158 -7.74 3.79 14.59
CA ARG A 158 -8.35 5.12 14.55
C ARG A 158 -7.91 5.87 13.30
N ALA A 159 -6.59 5.82 12.97
CA ALA A 159 -5.93 6.42 11.82
C ALA A 159 -6.57 5.97 10.50
N ASN A 160 -6.96 4.68 10.41
CA ASN A 160 -7.63 4.10 9.23
C ASN A 160 -9.06 4.68 9.07
N ASN A 161 -9.73 5.00 10.20
CA ASN A 161 -11.07 5.57 10.24
C ASN A 161 -11.09 7.05 9.81
N VAL A 162 -10.42 7.94 10.59
CA VAL A 162 -10.41 9.39 10.37
C VAL A 162 -9.41 9.87 9.29
N LEU A 163 -8.31 9.15 9.03
CA LEU A 163 -7.38 9.60 8.00
C LEU A 163 -7.46 8.76 6.71
N LYS A 164 -8.65 8.19 6.42
CA LYS A 164 -8.91 7.34 5.24
C LYS A 164 -8.59 8.03 3.92
N ASN A 165 -9.16 9.24 3.67
CA ASN A 165 -8.93 10.02 2.45
C ASN A 165 -7.44 10.36 2.24
N GLU A 166 -6.74 10.79 3.32
CA GLU A 166 -5.32 11.18 3.38
C GLU A 166 -4.41 9.96 3.12
N MET A 167 -4.74 8.79 3.72
CA MET A 167 -4.05 7.51 3.53
C MET A 167 -4.20 7.02 2.07
N LYS A 168 -5.32 7.41 1.42
CA LYS A 168 -5.63 7.16 0.03
C LYS A 168 -4.75 8.06 -0.87
N ARG A 169 -4.41 9.29 -0.40
CA ARG A 169 -3.55 10.27 -1.09
C ARG A 169 -2.05 9.92 -1.04
N TYR A 170 -1.54 9.44 0.12
CA TYR A 170 -0.11 9.15 0.33
C TYR A 170 0.23 7.67 0.62
N LYS A 171 1.25 7.14 -0.09
CA LYS A 171 1.75 5.76 0.07
C LYS A 171 2.57 5.60 1.37
N GLY A 172 3.25 6.67 1.76
CA GLY A 172 4.06 6.76 2.98
C GLY A 172 3.29 7.03 4.26
N LEU A 173 1.94 7.15 4.18
CA LEU A 173 1.11 7.29 5.38
C LEU A 173 0.90 5.87 5.92
N LEU A 174 1.89 5.38 6.67
CA LEU A 174 1.87 4.04 7.27
C LEU A 174 1.69 4.32 8.76
N PRO A 175 0.42 4.30 9.26
CA PRO A 175 0.18 4.65 10.68
C PRO A 175 1.04 3.93 11.70
N LYS A 176 1.21 2.59 11.60
CA LYS A 176 2.01 1.76 12.50
C LYS A 176 3.47 2.26 12.63
N ASP A 177 4.16 2.45 11.49
CA ASP A 177 5.54 2.95 11.42
C ASP A 177 5.67 4.36 11.99
N ILE A 178 4.71 5.24 11.65
CA ILE A 178 4.69 6.64 12.11
C ILE A 178 4.39 6.72 13.62
N ALA A 179 3.21 6.21 14.05
CA ALA A 179 2.77 6.19 15.45
C ALA A 179 3.86 5.77 16.41
N ASN A 180 4.66 4.74 16.04
CA ASN A 180 5.78 4.18 16.80
C ASN A 180 6.94 5.15 17.01
N SER A 181 7.19 6.04 16.02
CA SER A 181 8.24 7.07 16.04
C SER A 181 7.88 8.16 17.07
N PHE A 182 6.58 8.46 17.22
CA PHE A 182 6.07 9.44 18.18
C PHE A 182 6.08 8.86 19.54
N TYR A 183 5.66 7.57 19.68
CA TYR A 183 5.72 6.80 20.95
C TYR A 183 7.15 6.81 21.50
N GLU A 184 8.14 6.52 20.64
CA GLU A 184 9.55 6.53 20.96
C GLU A 184 10.09 7.92 21.22
N VAL A 185 9.74 8.90 20.35
CA VAL A 185 10.20 10.28 20.50
C VAL A 185 9.63 10.95 21.79
N PHE A 186 8.40 10.59 22.20
CA PHE A 186 7.79 11.10 23.43
C PHE A 186 8.40 10.47 24.65
N GLU A 187 8.85 9.21 24.54
CA GLU A 187 9.49 8.45 25.61
C GLU A 187 10.94 8.89 25.81
N LYS A 188 11.70 9.08 24.71
CA LYS A 188 13.13 9.46 24.74
C LYS A 188 13.36 11.00 24.86
N HIS A 189 12.29 11.81 24.84
CA HIS A 189 12.31 13.28 24.97
C HIS A 189 10.93 13.70 25.54
N PRO A 190 10.65 13.54 26.86
CA PRO A 190 9.31 13.90 27.37
C PRO A 190 8.94 15.38 27.27
N HIS A 191 9.90 16.24 26.94
CA HIS A 191 9.69 17.68 26.79
C HIS A 191 8.86 18.02 25.55
N PHE A 192 8.87 17.15 24.51
CA PHE A 192 8.08 17.30 23.28
C PHE A 192 6.59 17.20 23.56
N ILE A 193 6.22 16.48 24.64
CA ILE A 193 4.83 16.28 25.07
C ILE A 193 4.22 17.64 25.42
N ASP A 194 4.92 18.44 26.23
CA ASP A 194 4.53 19.79 26.65
C ASP A 194 4.49 20.78 25.44
N VAL A 195 5.41 20.57 24.47
CA VAL A 195 5.53 21.33 23.22
C VAL A 195 4.27 21.06 22.39
N PHE A 196 3.92 19.78 22.22
CA PHE A 196 2.77 19.36 21.44
C PHE A 196 1.40 19.73 22.09
N VAL A 197 1.26 19.58 23.43
CA VAL A 197 0.03 19.94 24.15
C VAL A 197 -0.26 21.43 23.96
N HIS A 198 0.79 22.29 24.05
CA HIS A 198 0.70 23.74 23.85
C HIS A 198 0.34 24.03 22.40
N PHE A 199 0.94 23.26 21.44
CA PHE A 199 0.68 23.39 20.00
C PHE A 199 -0.79 23.20 19.65
N GLY A 200 -1.37 22.08 20.09
CA GLY A 200 -2.75 21.70 19.84
C GLY A 200 -3.78 22.57 20.54
N ILE A 201 -3.40 23.21 21.63
CA ILE A 201 -4.33 24.10 22.31
C ILE A 201 -4.49 25.38 21.48
N ALA A 202 -3.36 25.92 20.99
CA ALA A 202 -3.34 27.12 20.16
C ALA A 202 -3.94 26.84 18.78
N GLN A 203 -3.85 25.57 18.33
CA GLN A 203 -4.37 25.09 17.07
C GLN A 203 -5.90 24.92 17.05
N SER A 204 -6.48 24.38 18.15
CA SER A 204 -7.92 24.14 18.28
C SER A 204 -8.65 25.45 18.61
N SER A 205 -7.85 26.52 18.76
CA SER A 205 -8.30 27.90 19.02
C SER A 205 -8.36 28.70 17.69
N THR A 206 -8.77 28.00 16.60
CA THR A 206 -9.02 28.50 15.25
C THR A 206 -10.37 27.90 14.82
N ARG A 207 -11.35 28.77 14.47
CA ARG A 207 -12.73 28.37 14.15
C ARG A 207 -13.02 28.04 12.63
N GLY A 208 -12.03 27.45 11.94
CA GLY A 208 -12.20 27.06 10.54
C GLY A 208 -10.96 26.48 9.90
N GLY A 209 -10.70 26.88 8.66
CA GLY A 209 -9.50 26.50 7.93
C GLY A 209 -9.58 25.44 6.85
N SER A 210 -8.91 24.29 7.11
CA SER A 210 -8.74 23.15 6.20
C SER A 210 -9.36 21.87 6.80
N ARG A 211 -9.47 20.76 6.01
CA ARG A 211 -10.07 19.52 6.49
C ARG A 211 -9.16 18.81 7.48
N VAL A 212 -7.81 18.79 7.20
CA VAL A 212 -6.80 18.15 8.05
C VAL A 212 -6.70 18.90 9.38
N GLU A 213 -6.69 20.25 9.33
CA GLU A 213 -6.67 21.15 10.50
C GLU A 213 -7.94 20.89 11.33
N GLY A 214 -9.04 20.51 10.65
CA GLY A 214 -10.34 20.17 11.22
C GLY A 214 -10.37 18.80 11.87
N ILE A 215 -9.59 17.82 11.33
CA ILE A 215 -9.47 16.46 11.88
C ILE A 215 -8.52 16.54 13.09
N PHE A 216 -7.42 17.30 12.98
CA PHE A 216 -6.50 17.51 14.07
C PHE A 216 -7.22 18.10 15.31
N ALA A 217 -8.02 19.17 15.11
CA ALA A 217 -8.76 19.87 16.15
C ALA A 217 -9.71 18.93 16.88
N GLY A 218 -10.43 18.09 16.13
CA GLY A 218 -11.36 17.11 16.66
C GLY A 218 -10.68 15.97 17.38
N LEU A 219 -9.54 15.50 16.85
CA LEU A 219 -8.73 14.43 17.44
C LEU A 219 -8.06 14.84 18.73
N PHE A 220 -7.52 16.09 18.77
CA PHE A 220 -6.83 16.68 19.93
C PHE A 220 -7.79 16.81 21.10
N MET A 221 -9.04 17.21 20.82
CA MET A 221 -10.09 17.39 21.83
C MET A 221 -10.50 16.11 22.49
N ASN A 222 -10.45 14.97 21.75
CA ASN A 222 -10.80 13.62 22.25
C ASN A 222 -9.97 13.22 23.48
N ALA A 223 -8.69 13.60 23.50
CA ALA A 223 -7.71 13.33 24.57
C ALA A 223 -8.18 13.88 25.92
N SER B 5 -19.94 -24.97 -23.86
CA SER B 5 -19.30 -25.57 -22.68
C SER B 5 -18.40 -24.60 -21.91
N ILE B 6 -18.40 -24.71 -20.56
CA ILE B 6 -17.54 -23.88 -19.70
C ILE B 6 -16.68 -24.77 -18.78
N ASP B 7 -15.42 -24.33 -18.50
CA ASP B 7 -14.47 -25.08 -17.67
C ASP B 7 -14.86 -25.03 -16.19
N THR B 8 -15.10 -26.21 -15.58
CA THR B 8 -15.45 -26.33 -14.16
C THR B 8 -14.32 -27.06 -13.39
N PRO B 9 -13.26 -26.31 -12.96
CA PRO B 9 -12.17 -26.97 -12.23
C PRO B 9 -12.56 -27.41 -10.81
N ASN B 10 -11.97 -28.54 -10.36
CA ASN B 10 -12.19 -29.13 -9.05
C ASN B 10 -10.90 -29.04 -8.22
N TYR B 11 -11.02 -29.26 -6.90
CA TYR B 11 -9.96 -29.19 -5.90
C TYR B 11 -8.63 -29.82 -6.31
N ASP B 12 -8.65 -30.81 -7.24
CA ASP B 12 -7.48 -31.53 -7.77
C ASP B 12 -6.48 -30.64 -8.52
N VAL B 13 -6.96 -29.61 -9.25
CA VAL B 13 -6.09 -28.72 -10.04
C VAL B 13 -5.81 -27.35 -9.37
N GLN B 14 -6.46 -27.05 -8.22
CA GLN B 14 -6.31 -25.82 -7.41
C GLN B 14 -4.84 -25.38 -7.19
N LYS B 15 -3.93 -26.36 -6.93
CA LYS B 15 -2.49 -26.14 -6.72
C LYS B 15 -1.81 -25.69 -8.02
N HIS B 16 -2.24 -26.27 -9.17
CA HIS B 16 -1.73 -25.96 -10.52
C HIS B 16 -2.18 -24.55 -10.96
N ILE B 17 -3.45 -24.16 -10.67
CA ILE B 17 -4.00 -22.84 -11.00
C ILE B 17 -3.31 -21.76 -10.13
N ASN B 18 -2.93 -22.10 -8.89
CA ASN B 18 -2.22 -21.18 -7.99
C ASN B 18 -0.82 -20.88 -8.54
N LYS B 19 -0.13 -21.92 -9.07
CA LYS B 19 1.20 -21.82 -9.69
C LYS B 19 1.13 -21.04 -11.00
N LEU B 20 -0.05 -21.08 -11.69
CA LEU B 20 -0.30 -20.30 -12.92
C LEU B 20 -0.35 -18.81 -12.59
N CYS B 21 -1.10 -18.46 -11.53
CA CYS B 21 -1.24 -17.11 -10.95
C CYS B 21 0.13 -16.56 -10.56
N GLY B 22 0.93 -17.39 -9.88
CA GLY B 22 2.26 -17.04 -9.39
C GLY B 22 3.31 -16.81 -10.45
N MET B 23 3.19 -17.53 -11.57
CA MET B 23 4.06 -17.43 -12.73
C MET B 23 3.79 -16.11 -13.42
N LEU B 24 2.56 -15.59 -13.29
CA LEU B 24 2.17 -14.29 -13.84
C LEU B 24 2.67 -13.17 -12.92
N LEU B 25 2.54 -13.38 -11.61
CA LEU B 25 2.94 -12.42 -10.58
C LEU B 25 4.46 -12.21 -10.54
N ILE B 26 5.28 -13.20 -10.96
CA ILE B 26 6.73 -13.08 -10.94
C ILE B 26 7.30 -12.50 -12.25
N THR B 27 6.49 -12.52 -13.32
CA THR B 27 6.94 -12.05 -14.65
C THR B 27 7.06 -10.52 -14.70
N GLU B 28 8.27 -10.05 -15.08
CA GLU B 28 8.58 -8.63 -15.26
C GLU B 28 7.83 -8.15 -16.49
N ASP B 29 6.97 -7.12 -16.32
CA ASP B 29 6.12 -6.53 -17.35
C ASP B 29 5.20 -7.63 -17.96
N ALA B 30 4.45 -8.30 -17.07
CA ALA B 30 3.56 -9.42 -17.41
C ALA B 30 2.34 -9.01 -18.25
N ASN B 31 2.02 -9.84 -19.26
CA ASN B 31 0.84 -9.71 -20.11
C ASN B 31 -0.30 -10.27 -19.27
N HIS B 32 -1.22 -9.40 -18.85
CA HIS B 32 -2.32 -9.80 -17.96
C HIS B 32 -3.64 -10.03 -18.67
N LYS B 33 -3.60 -10.36 -19.97
CA LYS B 33 -4.80 -10.60 -20.77
C LYS B 33 -5.66 -11.77 -20.24
N PHE B 34 -5.00 -12.85 -19.76
CA PHE B 34 -5.67 -14.08 -19.30
C PHE B 34 -5.85 -14.18 -17.78
N THR B 35 -5.36 -13.16 -17.03
CA THR B 35 -5.40 -13.03 -15.57
C THR B 35 -6.84 -12.99 -15.01
N GLY B 36 -7.76 -12.35 -15.76
CA GLY B 36 -9.17 -12.26 -15.40
C GLY B 36 -9.82 -13.63 -15.40
N LEU B 37 -9.44 -14.49 -16.36
CA LEU B 37 -9.93 -15.86 -16.52
C LEU B 37 -9.33 -16.83 -15.49
N ILE B 38 -7.98 -16.83 -15.36
CA ILE B 38 -7.19 -17.68 -14.44
C ILE B 38 -7.61 -17.42 -12.99
N GLY B 39 -7.92 -16.17 -12.68
CA GLY B 39 -8.41 -15.77 -11.36
C GLY B 39 -9.74 -16.43 -11.06
N MET B 40 -10.62 -16.47 -12.09
CA MET B 40 -11.95 -17.09 -11.98
C MET B 40 -11.86 -18.58 -11.96
N LEU B 41 -10.88 -19.16 -12.66
CA LEU B 41 -10.57 -20.59 -12.63
C LEU B 41 -10.11 -20.98 -11.21
N TYR B 42 -9.26 -20.15 -10.57
CA TYR B 42 -8.79 -20.42 -9.22
C TYR B 42 -9.93 -20.40 -8.19
N ALA B 43 -10.87 -19.43 -8.27
CA ALA B 43 -11.99 -19.36 -7.33
C ALA B 43 -12.92 -20.58 -7.46
N MET B 44 -13.07 -21.10 -8.70
CA MET B 44 -13.92 -22.26 -8.98
C MET B 44 -13.30 -23.54 -8.38
N SER B 45 -11.99 -23.75 -8.58
CA SER B 45 -11.23 -24.85 -8.03
C SER B 45 -11.22 -24.83 -6.48
N ARG B 46 -11.48 -23.64 -5.88
CA ARG B 46 -11.62 -23.46 -4.42
C ARG B 46 -13.01 -23.91 -3.94
N LEU B 47 -14.04 -23.70 -4.81
CA LEU B 47 -15.42 -24.09 -4.55
C LEU B 47 -15.64 -25.57 -4.83
N GLY B 48 -14.95 -26.08 -5.87
CA GLY B 48 -15.04 -27.46 -6.36
C GLY B 48 -15.95 -27.54 -7.57
N ARG B 49 -16.01 -28.70 -8.22
CA ARG B 49 -16.84 -28.93 -9.41
C ARG B 49 -18.36 -28.93 -9.07
N GLU B 50 -18.77 -29.78 -8.12
CA GLU B 50 -20.17 -29.91 -7.67
C GLU B 50 -20.80 -28.57 -7.29
N ASP B 51 -20.07 -27.74 -6.52
CA ASP B 51 -20.54 -26.47 -5.99
C ASP B 51 -20.63 -25.37 -7.04
N THR B 52 -19.69 -25.29 -7.98
CA THR B 52 -19.67 -24.32 -9.10
C THR B 52 -20.90 -24.55 -9.99
N ILE B 53 -21.21 -25.83 -10.27
CA ILE B 53 -22.35 -26.26 -11.09
C ILE B 53 -23.66 -25.89 -10.37
N LYS B 54 -23.78 -26.26 -9.08
CA LYS B 54 -24.93 -25.94 -8.22
C LYS B 54 -25.19 -24.43 -8.19
N ILE B 55 -24.13 -23.58 -8.01
CA ILE B 55 -24.23 -22.11 -7.98
C ILE B 55 -24.81 -21.60 -9.32
N LEU B 56 -24.22 -22.05 -10.46
CA LEU B 56 -24.62 -21.64 -11.81
C LEU B 56 -25.99 -22.16 -12.24
N ARG B 57 -26.43 -23.33 -11.74
CA ARG B 57 -27.76 -23.88 -12.06
C ARG B 57 -28.84 -23.15 -11.26
N ASP B 58 -28.56 -22.83 -9.97
CA ASP B 58 -29.47 -22.11 -9.06
C ASP B 58 -29.65 -20.66 -9.50
N ALA B 59 -28.59 -20.06 -10.07
CA ALA B 59 -28.60 -18.68 -10.58
C ALA B 59 -29.49 -18.52 -11.82
N GLY B 60 -29.70 -19.63 -12.55
CA GLY B 60 -30.53 -19.69 -13.75
C GLY B 60 -29.78 -19.91 -15.06
N TYR B 61 -28.53 -20.41 -14.99
CA TYR B 61 -27.69 -20.69 -16.16
C TYR B 61 -27.77 -22.15 -16.57
N HIS B 62 -27.70 -22.38 -17.89
CA HIS B 62 -27.67 -23.73 -18.46
C HIS B 62 -26.16 -23.97 -18.62
N VAL B 63 -25.62 -24.95 -17.88
CA VAL B 63 -24.17 -25.14 -17.92
C VAL B 63 -23.73 -26.45 -18.50
N LYS B 64 -22.71 -26.40 -19.38
CA LYS B 64 -22.07 -27.59 -19.96
C LYS B 64 -20.70 -27.69 -19.28
N ALA B 65 -20.67 -28.46 -18.16
CA ALA B 65 -19.51 -28.67 -17.31
C ALA B 65 -18.40 -29.46 -18.00
N ASN B 66 -17.23 -28.82 -18.17
CA ASN B 66 -16.03 -29.39 -18.79
C ASN B 66 -15.07 -29.85 -17.69
N GLY B 67 -14.62 -31.10 -17.80
CA GLY B 67 -13.68 -31.71 -16.86
C GLY B 67 -12.26 -31.20 -17.08
N VAL B 68 -11.61 -30.78 -15.98
CA VAL B 68 -10.25 -30.23 -16.02
C VAL B 68 -9.23 -31.19 -15.37
N ASP B 69 -8.33 -31.74 -16.19
CA ASP B 69 -7.26 -32.65 -15.76
C ASP B 69 -5.91 -32.17 -16.33
N VAL B 70 -4.81 -32.57 -15.67
CA VAL B 70 -3.45 -32.18 -16.04
C VAL B 70 -2.83 -33.17 -17.03
N THR B 71 -2.25 -32.64 -18.12
CA THR B 71 -1.59 -33.43 -19.19
C THR B 71 -0.14 -32.97 -19.43
N THR B 72 0.59 -33.68 -20.30
CA THR B 72 1.99 -33.40 -20.64
C THR B 72 2.13 -33.05 -22.13
N HIS B 73 2.44 -31.77 -22.45
CA HIS B 73 2.64 -31.35 -23.85
C HIS B 73 4.10 -31.04 -24.11
N ARG B 74 4.66 -31.71 -25.12
CA ARG B 74 6.05 -31.58 -25.55
C ARG B 74 6.18 -30.40 -26.55
N GLN B 75 6.76 -29.28 -26.07
CA GLN B 75 6.96 -28.05 -26.85
C GLN B 75 8.42 -27.93 -27.30
N ASP B 76 8.64 -27.90 -28.64
CA ASP B 76 9.94 -27.81 -29.29
C ASP B 76 10.58 -26.43 -29.14
N LYS B 80 15.27 -26.10 -28.42
CA LYS B 80 15.28 -27.50 -27.99
C LYS B 80 13.95 -27.96 -27.38
N GLU B 81 13.71 -29.28 -27.40
CA GLU B 81 12.52 -29.96 -26.86
C GLU B 81 12.34 -29.78 -25.34
N MET B 82 11.08 -29.65 -24.87
CA MET B 82 10.76 -29.52 -23.43
C MET B 82 9.36 -30.03 -23.08
N LYS B 83 9.18 -30.59 -21.86
CA LYS B 83 7.90 -31.10 -21.36
C LYS B 83 7.23 -30.08 -20.43
N PHE B 84 5.88 -29.97 -20.52
CA PHE B 84 5.08 -29.02 -19.73
C PHE B 84 3.87 -29.62 -19.05
N GLU B 85 3.54 -29.10 -17.84
CA GLU B 85 2.32 -29.51 -17.14
C GLU B 85 1.27 -28.47 -17.52
N VAL B 86 0.27 -28.91 -18.28
CA VAL B 86 -0.81 -28.05 -18.78
C VAL B 86 -2.19 -28.55 -18.36
N LEU B 87 -3.16 -27.63 -18.31
CA LEU B 87 -4.54 -27.91 -17.95
C LEU B 87 -5.43 -28.03 -19.17
N THR B 88 -6.34 -29.02 -19.17
CA THR B 88 -7.30 -29.23 -20.26
C THR B 88 -8.41 -28.19 -20.10
N LEU B 89 -8.28 -27.05 -20.79
CA LEU B 89 -9.22 -25.93 -20.75
C LEU B 89 -9.65 -25.53 -22.14
N ALA B 90 -10.94 -25.16 -22.30
CA ALA B 90 -11.48 -24.71 -23.57
C ALA B 90 -11.26 -23.19 -23.72
N SER B 91 -11.39 -22.44 -22.60
CA SER B 91 -11.21 -21.00 -22.51
C SER B 91 -9.74 -20.54 -22.46
N LEU B 92 -8.78 -21.50 -22.41
CA LEU B 92 -7.33 -21.24 -22.41
C LEU B 92 -6.58 -22.33 -23.18
N THR B 93 -5.90 -21.95 -24.28
CA THR B 93 -5.12 -22.89 -25.09
C THR B 93 -3.81 -23.26 -24.39
N THR B 94 -3.18 -24.36 -24.84
CA THR B 94 -1.90 -24.90 -24.37
C THR B 94 -0.78 -23.90 -24.73
N GLU B 95 -0.91 -23.26 -25.92
CA GLU B 95 0.01 -22.24 -26.44
C GLU B 95 0.08 -21.05 -25.45
N ILE B 96 -1.10 -20.61 -24.94
CA ILE B 96 -1.20 -19.52 -23.96
C ILE B 96 -0.54 -19.94 -22.63
N GLN B 97 -0.87 -21.15 -22.15
CA GLN B 97 -0.37 -21.78 -20.91
C GLN B 97 1.15 -21.98 -20.85
N ILE B 98 1.75 -22.55 -21.93
CA ILE B 98 3.19 -22.83 -22.06
C ILE B 98 4.01 -21.54 -22.08
N ASN B 99 3.52 -20.53 -22.83
CA ASN B 99 4.18 -19.23 -22.97
C ASN B 99 4.25 -18.44 -21.67
N ILE B 100 3.30 -18.66 -20.72
CA ILE B 100 3.29 -18.04 -19.39
C ILE B 100 4.46 -18.63 -18.60
N GLU B 101 4.68 -19.96 -18.73
CA GLU B 101 5.76 -20.67 -18.03
C GLU B 101 7.14 -20.24 -18.49
N ILE B 102 7.44 -20.34 -19.81
CA ILE B 102 8.74 -19.99 -20.42
C ILE B 102 9.17 -18.58 -20.04
N GLU B 103 8.25 -17.63 -20.09
CA GLU B 103 8.52 -16.23 -19.79
C GLU B 103 8.64 -15.97 -18.28
N SER B 104 7.99 -16.81 -17.43
CA SER B 104 8.14 -16.70 -15.98
C SER B 104 9.47 -17.32 -15.54
N ARG B 105 9.99 -18.28 -16.35
CA ARG B 105 11.28 -18.96 -16.14
C ARG B 105 12.43 -17.99 -16.38
N LYS B 106 12.30 -17.12 -17.42
CA LYS B 106 13.28 -16.10 -17.80
C LYS B 106 13.40 -15.07 -16.67
N SER B 107 12.26 -14.70 -16.06
CA SER B 107 12.14 -13.77 -14.95
C SER B 107 12.76 -14.37 -13.67
N TYR B 108 12.49 -15.68 -13.39
CA TYR B 108 13.05 -16.40 -12.24
C TYR B 108 14.56 -16.48 -12.34
N LYS B 109 15.09 -16.75 -13.54
CA LYS B 109 16.54 -16.82 -13.72
C LYS B 109 17.17 -15.44 -13.52
N LYS B 110 16.45 -14.36 -13.91
CA LYS B 110 16.87 -12.97 -13.71
C LYS B 110 16.91 -12.65 -12.19
N MET B 111 15.87 -13.05 -11.42
CA MET B 111 15.84 -12.81 -9.97
C MET B 111 16.90 -13.66 -9.22
N LEU B 112 17.29 -14.82 -9.81
CA LEU B 112 18.32 -15.71 -9.28
C LEU B 112 19.71 -15.06 -9.37
N LYS B 113 19.95 -14.27 -10.45
CA LYS B 113 21.20 -13.56 -10.70
C LYS B 113 21.37 -12.38 -9.72
N GLU B 114 20.22 -11.85 -9.20
CA GLU B 114 20.14 -10.74 -8.26
C GLU B 114 20.16 -11.18 -6.79
N MET B 115 19.30 -12.16 -6.41
CA MET B 115 19.14 -12.65 -5.03
C MET B 115 20.08 -13.80 -4.63
N GLY B 116 20.34 -14.72 -5.56
CA GLY B 116 21.15 -15.91 -5.33
C GLY B 116 20.26 -17.13 -5.24
N GLU B 117 19.39 -17.17 -4.21
CA GLU B 117 18.38 -18.21 -3.97
C GLU B 117 17.04 -17.49 -3.77
N VAL B 118 15.97 -17.86 -4.54
CA VAL B 118 14.70 -17.15 -4.36
C VAL B 118 13.97 -17.65 -3.09
N ALA B 119 13.52 -16.69 -2.25
CA ALA B 119 12.81 -16.91 -0.99
C ALA B 119 11.38 -17.39 -1.25
N PRO B 120 10.80 -18.22 -0.34
CA PRO B 120 9.43 -18.74 -0.55
C PRO B 120 8.36 -17.74 -0.98
N GLU B 121 8.32 -16.58 -0.29
CA GLU B 121 7.37 -15.48 -0.52
C GLU B 121 7.60 -14.74 -1.85
N TYR B 122 8.74 -14.97 -2.49
CA TYR B 122 9.04 -14.32 -3.77
C TYR B 122 8.83 -15.28 -4.93
N ARG B 123 8.57 -16.57 -4.61
CA ARG B 123 8.38 -17.66 -5.56
C ARG B 123 6.94 -17.80 -6.09
N HIS B 124 6.79 -18.33 -7.30
CA HIS B 124 5.53 -18.56 -8.02
C HIS B 124 4.66 -19.64 -7.36
N ASP B 125 5.28 -20.58 -6.66
CA ASP B 125 4.62 -21.71 -5.98
C ASP B 125 4.22 -21.37 -4.51
N SER B 126 4.25 -20.07 -4.16
CA SER B 126 3.83 -19.60 -2.83
C SER B 126 2.30 -19.81 -2.73
N PRO B 127 1.78 -20.36 -1.59
CA PRO B 127 0.34 -20.67 -1.48
C PRO B 127 -0.64 -19.51 -1.52
N ASP B 128 -0.18 -18.27 -1.52
CA ASP B 128 -1.13 -17.16 -1.51
C ASP B 128 -1.20 -16.40 -2.83
N CYS B 129 -0.46 -16.85 -3.87
CA CYS B 129 -0.43 -16.30 -5.24
C CYS B 129 -1.83 -16.11 -5.90
N GLY B 130 -2.63 -17.17 -5.97
CA GLY B 130 -4.00 -17.14 -6.50
C GLY B 130 -4.91 -16.20 -5.71
N MET B 131 -4.71 -16.10 -4.38
CA MET B 131 -5.47 -15.21 -3.51
C MET B 131 -5.09 -13.73 -3.70
N ILE B 132 -3.83 -13.48 -4.14
CA ILE B 132 -3.27 -12.13 -4.40
C ILE B 132 -4.04 -11.50 -5.59
N ILE B 133 -4.36 -12.34 -6.57
CA ILE B 133 -5.10 -12.07 -7.80
C ILE B 133 -6.57 -11.80 -7.45
N LEU B 134 -7.14 -12.60 -6.60
CA LEU B 134 -8.52 -12.48 -6.11
C LEU B 134 -8.76 -11.20 -5.33
N CYS B 135 -7.71 -10.59 -4.76
CA CYS B 135 -7.86 -9.30 -4.06
C CYS B 135 -8.17 -8.16 -5.07
N ILE B 136 -7.55 -8.22 -6.27
CA ILE B 136 -7.79 -7.27 -7.36
C ILE B 136 -9.26 -7.36 -7.85
N ALA B 137 -9.75 -8.61 -8.03
CA ALA B 137 -11.11 -8.96 -8.46
C ALA B 137 -12.16 -8.45 -7.47
N ALA B 138 -11.82 -8.55 -6.16
CA ALA B 138 -12.64 -8.15 -5.03
C ALA B 138 -12.87 -6.64 -5.08
N LEU B 139 -11.82 -5.89 -5.51
CA LEU B 139 -11.86 -4.44 -5.70
C LEU B 139 -12.77 -4.07 -6.87
N VAL B 140 -12.60 -4.72 -8.05
CA VAL B 140 -13.41 -4.52 -9.27
C VAL B 140 -14.90 -4.79 -9.02
N ILE B 141 -15.21 -5.83 -8.24
CA ILE B 141 -16.58 -6.20 -7.87
C ILE B 141 -17.22 -5.09 -7.02
N THR B 142 -16.44 -4.41 -6.15
CA THR B 142 -16.90 -3.28 -5.34
C THR B 142 -17.27 -2.13 -6.29
N LYS B 143 -16.41 -1.89 -7.31
CA LYS B 143 -16.55 -0.85 -8.32
C LYS B 143 -17.75 -1.05 -9.25
N LEU B 144 -17.88 -2.24 -9.90
CA LEU B 144 -18.97 -2.55 -10.86
C LEU B 144 -20.36 -2.11 -10.38
N ASP B 148 -20.47 0.17 -16.21
CA ASP B 148 -19.34 1.06 -16.54
C ASP B 148 -18.03 0.68 -15.82
N ARG B 149 -16.91 1.31 -16.24
CA ARG B 149 -15.53 1.12 -15.74
C ARG B 149 -14.91 2.48 -15.26
N SER B 150 -15.73 3.41 -14.70
CA SER B 150 -15.23 4.71 -14.24
C SER B 150 -14.44 4.65 -12.91
N GLY B 151 -14.76 3.67 -12.07
CA GLY B 151 -14.11 3.46 -10.78
C GLY B 151 -12.80 2.71 -10.85
N LEU B 152 -12.25 2.53 -12.07
CA LEU B 152 -10.98 1.85 -12.34
C LEU B 152 -9.82 2.53 -11.60
N THR B 153 -9.75 3.88 -11.71
CA THR B 153 -8.76 4.76 -11.09
C THR B 153 -8.67 4.64 -9.56
N ALA B 154 -9.79 4.28 -8.88
CA ALA B 154 -9.87 4.08 -7.43
C ALA B 154 -9.42 2.67 -6.99
N VAL B 155 -9.57 1.68 -7.88
CA VAL B 155 -9.15 0.29 -7.65
C VAL B 155 -7.62 0.29 -7.58
N ILE B 156 -6.94 1.03 -8.50
CA ILE B 156 -5.48 1.15 -8.57
C ILE B 156 -4.94 1.82 -7.29
N ARG B 157 -5.65 2.85 -6.78
CA ARG B 157 -5.29 3.54 -5.54
C ARG B 157 -5.39 2.66 -4.28
N ARG B 158 -6.47 1.86 -4.16
CA ARG B 158 -6.66 0.96 -3.02
C ARG B 158 -5.68 -0.21 -3.07
N ALA B 159 -5.42 -0.77 -4.28
CA ALA B 159 -4.45 -1.86 -4.48
C ALA B 159 -3.06 -1.47 -3.98
N ASN B 160 -2.65 -0.20 -4.18
CA ASN B 160 -1.37 0.35 -3.74
C ASN B 160 -1.33 0.47 -2.20
N ASN B 161 -2.50 0.77 -1.58
CA ASN B 161 -2.68 0.92 -0.14
C ASN B 161 -2.63 -0.43 0.60
N VAL B 162 -3.61 -1.32 0.34
CA VAL B 162 -3.77 -2.61 1.00
C VAL B 162 -2.85 -3.73 0.46
N LEU B 163 -2.43 -3.68 -0.81
CA LEU B 163 -1.54 -4.74 -1.31
C LEU B 163 -0.10 -4.29 -1.47
N LYS B 164 0.35 -3.31 -0.66
CA LYS B 164 1.70 -2.73 -0.68
C LYS B 164 2.81 -3.78 -0.50
N ASN B 165 2.76 -4.58 0.59
CA ASN B 165 3.73 -5.64 0.87
C ASN B 165 3.81 -6.71 -0.26
N GLU B 166 2.64 -7.17 -0.76
CA GLU B 166 2.46 -8.13 -1.86
C GLU B 166 3.05 -7.60 -3.18
N MET B 167 2.76 -6.31 -3.52
CA MET B 167 3.26 -5.58 -4.69
C MET B 167 4.79 -5.43 -4.62
N LYS B 168 5.34 -5.38 -3.39
CA LYS B 168 6.75 -5.33 -3.08
C LYS B 168 7.40 -6.72 -3.34
N ARG B 169 6.66 -7.82 -3.12
CA ARG B 169 7.08 -9.21 -3.37
C ARG B 169 7.06 -9.62 -4.86
N TYR B 170 6.04 -9.19 -5.63
CA TYR B 170 5.89 -9.58 -7.04
C TYR B 170 5.97 -8.42 -8.05
N LYS B 171 6.79 -8.60 -9.10
CA LYS B 171 6.98 -7.63 -10.19
C LYS B 171 5.77 -7.58 -11.13
N GLY B 172 5.11 -8.73 -11.28
CA GLY B 172 3.91 -8.90 -12.10
C GLY B 172 2.61 -8.47 -11.45
N LEU B 173 2.66 -7.95 -10.20
CA LEU B 173 1.47 -7.41 -9.55
C LEU B 173 1.32 -5.98 -10.05
N LEU B 174 0.73 -5.83 -11.25
CA LEU B 174 0.49 -4.55 -11.92
C LEU B 174 -1.03 -4.35 -11.82
N PRO B 175 -1.49 -3.62 -10.78
CA PRO B 175 -2.94 -3.48 -10.56
C PRO B 175 -3.76 -3.03 -11.75
N LYS B 176 -3.32 -2.00 -12.52
CA LYS B 176 -4.01 -1.47 -13.71
C LYS B 176 -4.26 -2.54 -14.78
N ASP B 177 -3.20 -3.29 -15.17
CA ASP B 177 -3.27 -4.39 -16.15
C ASP B 177 -4.18 -5.52 -15.67
N ILE B 178 -4.06 -5.91 -14.39
CA ILE B 178 -4.86 -6.98 -13.80
C ILE B 178 -6.33 -6.55 -13.66
N ALA B 179 -6.61 -5.46 -12.91
CA ALA B 179 -7.96 -4.95 -12.70
C ALA B 179 -8.79 -4.90 -13.95
N ASN B 180 -8.18 -4.50 -15.08
CA ASN B 180 -8.80 -4.37 -16.42
C ASN B 180 -9.25 -5.72 -17.01
N SER B 181 -8.51 -6.81 -16.71
CA SER B 181 -8.79 -8.18 -17.14
C SER B 181 -10.03 -8.73 -16.44
N PHE B 182 -10.22 -8.37 -15.15
CA PHE B 182 -11.40 -8.74 -14.38
C PHE B 182 -12.60 -7.94 -14.84
N TYR B 183 -12.43 -6.60 -15.03
CA TYR B 183 -13.46 -5.71 -15.60
C TYR B 183 -14.03 -6.32 -16.90
N GLU B 184 -13.12 -6.73 -17.82
CA GLU B 184 -13.46 -7.35 -19.08
C GLU B 184 -14.09 -8.72 -18.91
N VAL B 185 -13.51 -9.66 -18.09
CA VAL B 185 -14.14 -10.98 -17.88
C VAL B 185 -15.54 -10.82 -17.28
N PHE B 186 -15.70 -9.94 -16.30
CA PHE B 186 -17.00 -9.77 -15.66
C PHE B 186 -18.05 -9.22 -16.59
N GLU B 187 -17.62 -8.40 -17.57
CA GLU B 187 -18.48 -7.76 -18.57
C GLU B 187 -18.84 -8.75 -19.67
N LYS B 188 -17.85 -9.52 -20.14
CA LYS B 188 -17.96 -10.53 -21.18
C LYS B 188 -18.59 -11.83 -20.72
N HIS B 189 -18.39 -12.19 -19.44
CA HIS B 189 -18.89 -13.40 -18.79
C HIS B 189 -19.56 -13.02 -17.44
N PRO B 190 -20.82 -12.52 -17.44
CA PRO B 190 -21.45 -12.12 -16.16
C PRO B 190 -21.72 -13.24 -15.13
N HIS B 191 -21.58 -14.54 -15.53
CA HIS B 191 -21.80 -15.71 -14.67
C HIS B 191 -20.73 -15.84 -13.59
N PHE B 192 -19.51 -15.33 -13.89
CA PHE B 192 -18.37 -15.31 -12.99
C PHE B 192 -18.63 -14.43 -11.77
N ILE B 193 -19.50 -13.40 -11.92
CA ILE B 193 -19.87 -12.47 -10.85
C ILE B 193 -20.54 -13.25 -9.72
N ASP B 194 -21.52 -14.11 -10.03
CA ASP B 194 -22.26 -14.96 -9.10
C ASP B 194 -21.32 -16.02 -8.47
N VAL B 195 -20.35 -16.51 -9.25
CA VAL B 195 -19.32 -17.48 -8.86
C VAL B 195 -18.43 -16.84 -7.80
N PHE B 196 -17.96 -15.61 -8.08
CA PHE B 196 -17.09 -14.87 -7.20
C PHE B 196 -17.79 -14.40 -5.90
N VAL B 197 -19.06 -13.91 -5.99
CA VAL B 197 -19.83 -13.45 -4.81
C VAL B 197 -19.99 -14.62 -3.84
N HIS B 198 -20.31 -15.82 -4.37
CA HIS B 198 -20.46 -17.06 -3.57
C HIS B 198 -19.11 -17.47 -2.99
N PHE B 199 -18.02 -17.32 -3.76
CA PHE B 199 -16.64 -17.62 -3.33
C PHE B 199 -16.24 -16.84 -2.10
N GLY B 200 -16.38 -15.52 -2.15
CA GLY B 200 -16.04 -14.60 -1.07
C GLY B 200 -16.93 -14.71 0.16
N ILE B 201 -18.18 -15.17 -0.02
CA ILE B 201 -19.16 -15.40 1.04
C ILE B 201 -18.72 -16.63 1.91
N ALA B 202 -18.15 -17.66 1.27
CA ALA B 202 -17.66 -18.88 1.90
C ALA B 202 -16.23 -18.70 2.41
N GLN B 203 -15.51 -17.72 1.82
CA GLN B 203 -14.13 -17.38 2.17
C GLN B 203 -14.08 -16.61 3.50
N SER B 204 -15.22 -16.09 3.95
CA SER B 204 -15.29 -15.44 5.24
C SER B 204 -15.27 -16.44 6.40
N SER B 205 -15.78 -17.67 6.17
CA SER B 205 -15.81 -18.73 7.18
C SER B 205 -14.42 -19.31 7.43
N THR B 206 -13.49 -19.13 6.45
CA THR B 206 -12.07 -19.52 6.57
C THR B 206 -11.46 -18.60 7.65
N ARG B 207 -10.75 -19.20 8.65
CA ARG B 207 -10.13 -18.49 9.78
C ARG B 207 -8.71 -17.92 9.47
N GLY B 208 -8.35 -17.97 8.18
CA GLY B 208 -7.12 -17.41 7.63
C GLY B 208 -5.81 -18.15 7.85
N GLY B 209 -4.98 -17.56 8.75
CA GLY B 209 -3.60 -17.94 9.00
C GLY B 209 -2.75 -17.04 8.11
N SER B 210 -3.08 -17.02 6.82
CA SER B 210 -2.53 -16.19 5.77
C SER B 210 -3.03 -14.73 5.93
N ARG B 211 -2.16 -13.80 5.57
CA ARG B 211 -2.41 -12.36 5.62
C ARG B 211 -3.22 -11.92 4.41
N VAL B 212 -2.97 -12.57 3.24
CA VAL B 212 -3.67 -12.32 1.96
C VAL B 212 -5.14 -12.72 2.10
N GLU B 213 -5.41 -13.89 2.71
CA GLU B 213 -6.77 -14.38 3.02
C GLU B 213 -7.49 -13.38 3.94
N GLY B 214 -6.72 -12.70 4.78
CA GLY B 214 -7.14 -11.64 5.71
C GLY B 214 -7.44 -10.32 5.04
N ILE B 215 -6.70 -9.99 3.95
CA ILE B 215 -6.89 -8.77 3.13
C ILE B 215 -8.10 -9.00 2.22
N PHE B 216 -8.18 -10.19 1.62
CA PHE B 216 -9.33 -10.58 0.80
C PHE B 216 -10.66 -10.48 1.59
N ALA B 217 -10.71 -11.04 2.81
CA ALA B 217 -11.88 -11.03 3.68
C ALA B 217 -12.34 -9.61 3.99
N GLY B 218 -11.38 -8.73 4.29
CA GLY B 218 -11.62 -7.33 4.61
C GLY B 218 -12.06 -6.53 3.40
N LEU B 219 -11.46 -6.83 2.23
CA LEU B 219 -11.78 -6.16 0.96
C LEU B 219 -13.14 -6.53 0.44
N PHE B 220 -13.50 -7.84 0.54
CA PHE B 220 -14.79 -8.38 0.11
C PHE B 220 -15.95 -7.75 0.90
N MET B 221 -15.74 -7.53 2.21
CA MET B 221 -16.73 -6.93 3.10
C MET B 221 -17.02 -5.49 2.78
N ASN B 222 -16.01 -4.75 2.28
CA ASN B 222 -16.14 -3.33 1.90
C ASN B 222 -17.21 -3.09 0.86
N ALA B 223 -17.36 -4.02 -0.11
CA ALA B 223 -18.34 -4.01 -1.21
C ALA B 223 -19.78 -3.85 -0.72
N TYR B 224 -20.05 -4.35 0.50
CA TYR B 224 -21.35 -4.27 1.15
C TYR B 224 -21.49 -2.99 2.03
N GLY B 225 -20.35 -2.30 2.27
CA GLY B 225 -20.29 -1.08 3.06
C GLY B 225 -19.58 -1.22 4.40
N LEU B 226 -18.48 -2.01 4.45
CA LEU B 226 -17.73 -2.17 5.71
C LEU B 226 -16.57 -1.19 5.79
#